data_5AL2
#
_entry.id   5AL2
#
_cell.length_a   92.910
_cell.length_b   96.820
_cell.length_c   116.800
_cell.angle_alpha   90.00
_cell.angle_beta   90.00
_cell.angle_gamma   90.00
#
_symmetry.space_group_name_H-M   'C 2 2 21'
#
loop_
_entity.id
_entity.type
_entity.pdbx_description
1 polymer TANKYRASE-2
2 non-polymer 'SULFATE ION'
3 non-polymer (2S)-2-(4-propan-2-ylphenyl)-2,3-dihydro-1H-pyrido[2,3-d]pyrimidin-4-one
4 non-polymer 'ZINC ION'
5 non-polymer GLYCEROL
6 water water
#
_entity_poly.entity_id   1
_entity_poly.type   'polypeptide(L)'
_entity_poly.pdbx_seq_one_letter_code
;MHHHHHHSSGVDLGTENLYFQSMLNTSGSGTILIDLSPDDKEFQSVEEEMQSTVREHRDGGHAGGIFNRYNILKIQKVCN
KKLWERYTHRRKEVSEENHNHANERMLFHGSPFVNAIIHKGFDERHAYIGGMFGAGIYFAENSSKSNQYVYGIGGGTGCP
VHKDRSCYICHRQLLFCRVTLGKSFLQFSAMKMAHSPPGHHSVTGRPSVNGLALAEYVIYRGEQAYPEYLITYQIMRPEG
;
_entity_poly.pdbx_strand_id   A,B
#
# COMPACT_ATOMS: atom_id res chain seq x y z
N GLY A 30 -2.21 6.94 16.66
CA GLY A 30 -3.55 6.34 16.75
C GLY A 30 -4.16 5.89 15.41
N THR A 31 -3.50 6.18 14.29
CA THR A 31 -4.08 5.82 13.01
C THR A 31 -3.75 4.40 12.62
N ILE A 32 -4.74 3.66 12.14
CA ILE A 32 -4.48 2.40 11.45
C ILE A 32 -5.08 2.42 10.04
N LEU A 33 -4.39 1.78 9.11
CA LEU A 33 -4.82 1.71 7.74
C LEU A 33 -5.35 0.31 7.40
N ILE A 34 -6.58 0.24 6.91
CA ILE A 34 -7.22 -1.02 6.51
C ILE A 34 -7.30 -1.12 5.00
N ASP A 35 -6.69 -2.16 4.42
CA ASP A 35 -6.70 -2.41 2.96
C ASP A 35 -8.03 -2.84 2.48
N LEU A 36 -8.59 -2.17 1.47
CA LEU A 36 -9.79 -2.67 0.85
C LEU A 36 -9.44 -3.64 -0.26
N SER A 37 -10.24 -4.69 -0.40
CA SER A 37 -10.07 -5.59 -1.51
C SER A 37 -10.66 -4.97 -2.80
N PRO A 38 -10.00 -5.14 -3.96
CA PRO A 38 -10.56 -4.74 -5.22
C PRO A 38 -11.92 -5.34 -5.56
N ASP A 39 -12.30 -6.44 -4.88
CA ASP A 39 -13.58 -7.07 -5.05
C ASP A 39 -14.65 -6.46 -4.20
N ASP A 40 -14.25 -5.63 -3.25
CA ASP A 40 -15.17 -4.92 -2.36
C ASP A 40 -15.83 -3.77 -3.13
N LYS A 41 -17.13 -3.58 -2.97
CA LYS A 41 -17.81 -2.53 -3.70
C LYS A 41 -17.39 -1.13 -3.18
N GLU A 42 -16.94 -1.06 -1.93
CA GLU A 42 -16.40 0.17 -1.39
C GLU A 42 -15.13 0.61 -2.17
N PHE A 43 -14.24 -0.35 -2.45
CA PHE A 43 -13.05 -0.10 -3.28
C PHE A 43 -13.49 0.44 -4.64
N GLN A 44 -14.43 -0.27 -5.22
CA GLN A 44 -14.90 0.03 -6.57
C GLN A 44 -15.57 1.41 -6.70
N SER A 45 -16.38 1.78 -5.72
CA SER A 45 -17.02 3.10 -5.76
CA SER A 45 -17.03 3.09 -5.69
C SER A 45 -15.96 4.21 -5.64
N VAL A 46 -14.93 3.99 -4.82
CA VAL A 46 -13.83 4.97 -4.68
C VAL A 46 -12.96 5.03 -5.94
N GLU A 47 -12.57 3.88 -6.49
CA GLU A 47 -11.87 3.85 -7.78
C GLU A 47 -12.65 4.58 -8.83
N GLU A 48 -13.96 4.38 -8.87
CA GLU A 48 -14.80 5.05 -9.90
C GLU A 48 -14.78 6.58 -9.75
N GLU A 49 -14.86 7.10 -8.52
CA GLU A 49 -14.72 8.57 -8.32
C GLU A 49 -13.38 9.11 -8.81
N MET A 50 -12.29 8.42 -8.47
CA MET A 50 -10.95 8.70 -8.94
C MET A 50 -10.82 8.76 -10.48
N GLN A 51 -11.22 7.68 -11.16
CA GLN A 51 -11.02 7.57 -12.58
C GLN A 51 -11.96 8.49 -13.35
N SER A 52 -13.19 8.62 -12.88
CA SER A 52 -14.22 9.31 -13.65
C SER A 52 -14.04 10.81 -13.60
N THR A 53 -13.28 11.30 -12.62
CA THR A 53 -13.06 12.76 -12.49
C THR A 53 -11.69 13.25 -12.97
N VAL A 54 -11.04 12.49 -13.83
CA VAL A 54 -9.84 12.98 -14.53
C VAL A 54 -10.31 13.94 -15.62
N ARG A 55 -9.62 15.08 -15.74
CA ARG A 55 -9.85 16.02 -16.82
C ARG A 55 -8.53 16.50 -17.39
N GLU A 56 -8.60 17.17 -18.53
CA GLU A 56 -7.46 17.87 -19.04
C GLU A 56 -7.25 19.16 -18.27
N HIS A 57 -5.98 19.53 -18.20
CA HIS A 57 -5.56 20.70 -17.48
C HIS A 57 -4.93 21.74 -18.38
N ARG A 58 -5.14 23.00 -18.02
CA ARG A 58 -4.72 24.12 -18.85
C ARG A 58 -3.19 24.20 -19.02
N ASP A 59 -2.44 23.57 -18.13
CA ASP A 59 -0.99 23.47 -18.27
C ASP A 59 -0.47 22.36 -19.21
N GLY A 60 -1.36 21.65 -19.88
CA GLY A 60 -0.95 20.56 -20.76
C GLY A 60 -0.24 19.41 -20.04
N GLY A 61 -0.40 19.28 -18.72
CA GLY A 61 0.32 18.26 -17.96
C GLY A 61 1.64 18.64 -17.25
N HIS A 62 2.00 19.93 -17.29
CA HIS A 62 3.20 20.42 -16.65
C HIS A 62 3.32 20.02 -15.18
N ALA A 63 2.26 20.27 -14.42
CA ALA A 63 2.29 20.07 -12.98
C ALA A 63 2.08 18.59 -12.61
N GLY A 64 1.13 17.92 -13.26
CA GLY A 64 0.71 16.59 -12.80
C GLY A 64 1.02 15.44 -13.70
N GLY A 65 1.48 15.76 -14.90
CA GLY A 65 1.72 14.74 -15.90
C GLY A 65 0.65 14.63 -16.94
N ILE A 66 0.96 13.82 -17.95
CA ILE A 66 0.08 13.57 -19.06
C ILE A 66 -0.51 12.17 -18.93
N PHE A 67 -1.83 12.11 -18.73
CA PHE A 67 -2.55 10.86 -18.55
C PHE A 67 -4.06 11.09 -18.71
N ASN A 68 -4.77 10.04 -19.07
CA ASN A 68 -6.24 10.02 -19.07
C ASN A 68 -6.86 9.17 -17.97
N ARG A 69 -6.05 8.31 -17.36
CA ARG A 69 -6.51 7.41 -16.33
C ARG A 69 -5.37 6.98 -15.38
N TYR A 70 -5.73 6.34 -14.29
CA TYR A 70 -4.73 5.86 -13.34
C TYR A 70 -4.66 4.34 -13.29
N ASN A 71 -3.53 3.83 -12.81
CA ASN A 71 -3.43 2.46 -12.31
C ASN A 71 -3.52 2.48 -10.79
N ILE A 72 -4.63 2.04 -10.23
CA ILE A 72 -4.82 2.11 -8.79
C ILE A 72 -4.14 0.91 -8.19
N LEU A 73 -3.29 1.13 -7.20
CA LEU A 73 -2.50 0.03 -6.63
C LEU A 73 -3.10 -0.46 -5.34
N LYS A 74 -3.68 0.45 -4.59
CA LYS A 74 -4.17 0.17 -3.26
C LYS A 74 -5.17 1.22 -2.87
N ILE A 75 -6.19 0.82 -2.13
CA ILE A 75 -7.05 1.77 -1.44
C ILE A 75 -7.18 1.34 0.02
N GLN A 76 -6.75 2.23 0.91
CA GLN A 76 -6.85 2.02 2.33
C GLN A 76 -7.85 2.93 3.03
N LYS A 77 -8.63 2.36 3.94
CA LYS A 77 -9.45 3.11 4.84
C LYS A 77 -8.59 3.59 6.02
N VAL A 78 -8.70 4.87 6.33
CA VAL A 78 -7.93 5.50 7.39
C VAL A 78 -8.81 5.58 8.64
N CYS A 79 -8.39 4.93 9.73
CA CYS A 79 -9.17 4.79 10.97
C CYS A 79 -8.41 5.41 12.10
N ASN A 80 -8.96 6.51 12.60
CA ASN A 80 -8.42 7.19 13.75
C ASN A 80 -9.55 7.78 14.56
N LYS A 81 -9.75 7.20 15.73
CA LYS A 81 -10.91 7.52 16.57
C LYS A 81 -10.91 8.98 16.98
N LYS A 82 -9.77 9.49 17.41
CA LYS A 82 -9.69 10.87 17.89
C LYS A 82 -9.89 11.87 16.76
N LEU A 83 -9.30 11.59 15.59
CA LEU A 83 -9.48 12.50 14.45
C LEU A 83 -10.92 12.46 13.96
N TRP A 84 -11.58 11.30 14.04
CA TRP A 84 -12.97 11.16 13.61
C TRP A 84 -13.93 11.92 14.53
N GLU A 85 -13.73 11.80 15.85
CA GLU A 85 -14.57 12.52 16.81
C GLU A 85 -14.41 14.01 16.73
N ARG A 86 -13.19 14.43 16.44
CA ARG A 86 -12.91 15.83 16.20
C ARG A 86 -13.68 16.34 14.98
N TYR A 87 -13.68 15.53 13.91
CA TYR A 87 -14.41 15.89 12.71
C TYR A 87 -15.93 15.97 12.98
N THR A 88 -16.48 14.97 13.65
CA THR A 88 -17.93 14.90 13.85
C THR A 88 -18.42 15.96 14.84
N HIS A 89 -17.59 16.34 15.80
CA HIS A 89 -17.96 17.38 16.73
C HIS A 89 -18.05 18.70 15.96
N ARG A 90 -17.06 18.97 15.13
CA ARG A 90 -17.12 20.15 14.33
C ARG A 90 -18.29 20.11 13.33
N ARG A 91 -18.57 18.95 12.71
CA ARG A 91 -19.62 18.81 11.71
C ARG A 91 -20.98 19.17 12.30
N LYS A 92 -21.25 18.68 13.50
CA LYS A 92 -22.47 19.01 14.24
C LYS A 92 -22.59 20.53 14.49
N GLU A 93 -21.52 21.20 14.90
CA GLU A 93 -21.57 22.65 15.12
C GLU A 93 -21.91 23.42 13.85
N VAL A 94 -21.27 23.03 12.76
CA VAL A 94 -21.54 23.62 11.47
C VAL A 94 -22.96 23.39 11.03
N SER A 95 -23.42 22.15 11.10
CA SER A 95 -24.80 21.79 10.79
C SER A 95 -25.80 22.64 11.56
N GLU A 96 -25.55 22.80 12.85
CA GLU A 96 -26.44 23.61 13.67
C GLU A 96 -26.47 25.07 13.22
N GLU A 97 -25.39 25.57 12.64
CA GLU A 97 -25.37 26.95 12.12
C GLU A 97 -25.87 27.07 10.68
N ASN A 98 -26.32 25.98 10.05
CA ASN A 98 -26.68 26.01 8.63
C ASN A 98 -27.88 25.14 8.35
N HIS A 99 -28.99 25.50 9.01
CA HIS A 99 -30.28 24.83 8.92
C HIS A 99 -30.17 23.32 8.93
N ASN A 100 -29.44 22.80 9.92
CA ASN A 100 -29.14 21.37 10.07
C ASN A 100 -28.57 20.67 8.84
N HIS A 101 -27.68 21.37 8.15
CA HIS A 101 -27.08 20.84 6.94
C HIS A 101 -25.58 21.10 6.95
N ALA A 102 -24.83 20.04 7.26
CA ALA A 102 -23.36 20.08 7.29
C ALA A 102 -22.78 20.33 5.88
N ASN A 103 -23.54 19.96 4.84
CA ASN A 103 -23.11 20.12 3.45
C ASN A 103 -21.80 19.37 3.28
N GLU A 104 -21.85 18.09 3.67
CA GLU A 104 -20.72 17.17 3.59
C GLU A 104 -20.52 16.60 2.18
N ARG A 105 -19.29 16.70 1.71
CA ARG A 105 -18.91 16.18 0.40
C ARG A 105 -17.74 15.22 0.59
N MET A 106 -17.50 14.41 -0.43
CA MET A 106 -16.26 13.64 -0.54
C MET A 106 -15.43 14.25 -1.65
N LEU A 107 -14.20 14.65 -1.30
CA LEU A 107 -13.37 15.46 -2.15
C LEU A 107 -11.95 14.98 -2.10
N PHE A 108 -11.21 15.21 -3.18
CA PHE A 108 -9.83 14.80 -3.24
C PHE A 108 -8.89 15.84 -2.62
N HIS A 109 -7.79 15.35 -2.06
CA HIS A 109 -6.71 16.22 -1.62
C HIS A 109 -5.36 15.55 -1.92
N GLY A 110 -4.54 16.25 -2.67
CA GLY A 110 -3.13 15.87 -2.94
C GLY A 110 -2.18 16.82 -2.24
N SER A 111 -1.13 16.28 -1.63
CA SER A 111 -0.20 17.07 -0.86
C SER A 111 1.09 16.30 -0.57
N PRO A 112 2.23 17.01 -0.50
CA PRO A 112 3.44 16.28 -0.04
C PRO A 112 3.36 15.85 1.43
N PHE A 113 2.36 16.36 2.17
CA PHE A 113 2.20 16.06 3.60
C PHE A 113 1.14 14.98 3.93
N VAL A 114 0.78 14.18 2.94
CA VAL A 114 -0.22 13.12 3.09
C VAL A 114 0.09 12.22 4.30
N ASN A 115 1.35 11.81 4.52
CA ASN A 115 1.67 10.99 5.71
C ASN A 115 1.47 11.71 7.03
N ALA A 116 1.80 12.99 7.14
CA ALA A 116 1.48 13.72 8.33
C ALA A 116 -0.06 13.85 8.54
N ILE A 117 -0.79 14.03 7.44
CA ILE A 117 -2.23 14.27 7.54
C ILE A 117 -3.00 13.05 8.09
N ILE A 118 -2.66 11.88 7.58
CA ILE A 118 -3.33 10.65 8.01
C ILE A 118 -3.03 10.25 9.46
N HIS A 119 -1.89 10.69 9.98
CA HIS A 119 -1.51 10.44 11.37
C HIS A 119 -1.93 11.49 12.36
N LYS A 120 -1.86 12.74 11.99
CA LYS A 120 -2.10 13.86 12.91
C LYS A 120 -3.36 14.67 12.55
N GLY A 121 -3.93 14.46 11.37
CA GLY A 121 -5.12 15.23 10.98
C GLY A 121 -4.70 16.44 10.17
N PHE A 122 -5.68 17.13 9.59
CA PHE A 122 -5.43 18.37 8.87
C PHE A 122 -5.19 19.49 9.87
N ASP A 123 -4.29 20.40 9.56
CA ASP A 123 -4.10 21.61 10.37
C ASP A 123 -3.46 22.72 9.51
N GLU A 124 -3.18 23.85 10.16
CA GLU A 124 -2.61 25.07 9.52
C GLU A 124 -1.39 24.82 8.64
N ARG A 125 -0.56 23.84 8.98
CA ARG A 125 0.62 23.51 8.18
C ARG A 125 0.26 22.93 6.81
N HIS A 126 -0.97 22.46 6.64
CA HIS A 126 -1.42 21.87 5.37
C HIS A 126 -2.19 22.87 4.49
N ALA A 127 -2.31 24.13 4.97
CA ALA A 127 -2.93 25.25 4.23
C ALA A 127 -2.07 25.68 3.06
N TYR A 128 -2.75 26.10 1.98
CA TYR A 128 -2.08 26.67 0.82
C TYR A 128 -2.09 28.18 0.98
N ILE A 129 -0.98 28.68 1.53
CA ILE A 129 -0.92 30.07 1.97
C ILE A 129 -1.23 31.01 0.82
N GLY A 130 -0.64 30.75 -0.35
CA GLY A 130 -0.83 31.60 -1.52
C GLY A 130 -1.93 31.14 -2.47
N GLY A 131 -2.90 30.36 -1.98
CA GLY A 131 -3.97 29.91 -2.84
C GLY A 131 -4.90 31.05 -3.26
N MET A 132 -5.57 30.87 -4.38
CA MET A 132 -6.44 31.89 -4.98
C MET A 132 -7.64 32.31 -4.15
N PHE A 133 -7.99 31.53 -3.13
CA PHE A 133 -9.10 31.85 -2.22
C PHE A 133 -8.58 32.09 -0.81
N GLY A 134 -7.31 32.44 -0.72
CA GLY A 134 -6.70 32.70 0.59
C GLY A 134 -6.12 31.46 1.23
N ALA A 135 -5.53 31.66 2.41
CA ALA A 135 -4.76 30.65 3.11
C ALA A 135 -5.67 29.67 3.85
N GLY A 136 -6.13 28.65 3.12
CA GLY A 136 -6.86 27.56 3.73
C GLY A 136 -6.44 26.23 3.11
N ILE A 137 -7.19 25.19 3.45
CA ILE A 137 -6.91 23.85 2.94
C ILE A 137 -7.84 23.59 1.75
N TYR A 138 -7.24 23.22 0.62
CA TYR A 138 -7.90 23.16 -0.69
C TYR A 138 -8.25 21.72 -1.03
N PHE A 139 -9.46 21.52 -1.55
CA PHE A 139 -9.93 20.20 -1.99
C PHE A 139 -10.49 20.32 -3.40
N ALA A 140 -10.51 19.19 -4.12
CA ALA A 140 -11.00 19.16 -5.50
C ALA A 140 -12.03 18.05 -5.80
N GLU A 141 -13.03 18.40 -6.61
CA GLU A 141 -13.90 17.39 -7.23
C GLU A 141 -13.15 16.59 -8.29
N ASN A 142 -12.23 17.24 -8.99
CA ASN A 142 -11.47 16.58 -10.01
C ASN A 142 -10.25 15.92 -9.38
N SER A 143 -10.16 14.61 -9.46
CA SER A 143 -8.97 13.92 -8.93
C SER A 143 -7.63 14.40 -9.56
N SER A 144 -7.65 14.69 -10.87
CA SER A 144 -6.47 15.13 -11.59
C SER A 144 -6.00 16.50 -11.12
N LYS A 145 -6.91 17.31 -10.58
CA LYS A 145 -6.53 18.60 -9.95
C LYS A 145 -5.73 18.37 -8.67
N SER A 146 -6.21 17.50 -7.78
CA SER A 146 -5.38 17.13 -6.63
C SER A 146 -4.05 16.51 -7.02
N ASN A 147 -4.05 15.71 -8.08
CA ASN A 147 -2.82 15.09 -8.53
C ASN A 147 -1.69 16.08 -8.87
N GLN A 148 -2.07 17.26 -9.31
CA GLN A 148 -1.13 18.34 -9.53
C GLN A 148 -0.34 18.78 -8.28
N TYR A 149 -0.83 18.48 -7.08
CA TYR A 149 -0.19 18.89 -5.84
C TYR A 149 0.52 17.77 -5.05
N VAL A 150 0.49 16.55 -5.57
CA VAL A 150 1.08 15.40 -4.87
C VAL A 150 2.58 15.62 -4.62
N TYR A 151 3.27 16.26 -5.56
CA TYR A 151 4.68 16.52 -5.39
C TYR A 151 5.00 17.97 -5.03
N GLY A 152 3.99 18.70 -4.55
CA GLY A 152 4.12 20.09 -4.17
C GLY A 152 3.32 21.03 -5.08
N ILE A 153 3.33 22.30 -4.75
CA ILE A 153 2.69 23.34 -5.53
C ILE A 153 3.30 23.33 -6.93
N GLY A 154 2.46 23.43 -7.95
CA GLY A 154 2.92 23.33 -9.32
C GLY A 154 3.60 22.02 -9.66
N GLY A 155 3.42 20.98 -8.84
CA GLY A 155 4.10 19.73 -9.09
C GLY A 155 5.51 19.65 -8.56
N GLY A 156 5.96 20.71 -7.88
CA GLY A 156 7.30 20.80 -7.35
C GLY A 156 8.32 20.45 -8.41
N THR A 157 9.25 19.55 -8.09
CA THR A 157 10.27 19.06 -9.03
C THR A 157 9.97 17.64 -9.48
N GLY A 158 8.74 17.19 -9.24
CA GLY A 158 8.33 15.87 -9.64
C GLY A 158 8.64 14.81 -8.59
N CYS A 159 8.57 13.56 -9.04
CA CYS A 159 8.83 12.42 -8.21
C CYS A 159 10.23 12.54 -7.58
N PRO A 160 10.37 12.18 -6.29
CA PRO A 160 11.70 12.18 -5.64
C PRO A 160 12.77 11.40 -6.37
N VAL A 161 12.43 10.26 -6.98
CA VAL A 161 13.44 9.39 -7.58
C VAL A 161 13.93 9.89 -8.93
N HIS A 162 13.03 10.37 -9.78
CA HIS A 162 13.40 10.75 -11.13
C HIS A 162 13.28 12.25 -11.43
N LYS A 163 12.88 13.06 -10.45
CA LYS A 163 12.60 14.46 -10.69
C LYS A 163 11.70 14.67 -11.91
N ASP A 164 10.65 13.87 -12.01
CA ASP A 164 9.76 13.86 -13.19
C ASP A 164 8.31 14.09 -12.72
N ARG A 165 7.77 15.25 -13.08
CA ARG A 165 6.38 15.55 -12.76
C ARG A 165 5.40 14.62 -13.47
N SER A 166 5.82 14.04 -14.59
CA SER A 166 5.02 13.07 -15.33
C SER A 166 5.49 11.63 -15.18
N CYS A 167 6.13 11.30 -14.06
CA CYS A 167 6.65 9.94 -13.84
C CYS A 167 5.53 8.91 -13.90
N TYR A 168 5.76 7.87 -14.70
CA TYR A 168 4.85 6.74 -14.83
C TYR A 168 5.26 5.54 -13.98
N ILE A 169 6.33 5.71 -13.20
CA ILE A 169 6.92 4.64 -12.43
C ILE A 169 6.62 4.79 -10.95
N CYS A 170 6.86 5.98 -10.42
CA CYS A 170 6.72 6.18 -8.98
C CYS A 170 5.25 6.14 -8.53
N HIS A 171 5.06 5.62 -7.33
CA HIS A 171 3.76 5.50 -6.68
C HIS A 171 3.40 6.82 -6.06
N ARG A 172 2.22 7.35 -6.42
CA ARG A 172 1.65 8.55 -5.84
C ARG A 172 0.54 8.17 -4.89
N GLN A 173 0.24 9.10 -4.01
CA GLN A 173 -0.90 8.95 -3.11
C GLN A 173 -1.78 10.18 -3.11
N LEU A 174 -3.09 9.95 -3.07
CA LEU A 174 -4.06 11.02 -2.89
C LEU A 174 -4.89 10.65 -1.68
N LEU A 175 -5.54 11.66 -1.07
CA LEU A 175 -6.60 11.42 -0.08
C LEU A 175 -7.96 11.70 -0.67
N PHE A 176 -8.92 10.81 -0.37
CA PHE A 176 -10.33 11.06 -0.67
C PHE A 176 -11.01 11.32 0.69
N CYS A 177 -11.41 12.57 0.90
CA CYS A 177 -11.72 13.08 2.23
C CYS A 177 -13.20 13.42 2.40
N ARG A 178 -13.71 13.22 3.60
CA ARG A 178 -15.03 13.71 4.01
C ARG A 178 -14.84 15.14 4.47
N VAL A 179 -15.55 16.08 3.85
CA VAL A 179 -15.28 17.50 4.05
C VAL A 179 -16.61 18.18 4.36
N THR A 180 -16.68 18.89 5.47
CA THR A 180 -17.83 19.71 5.83
C THR A 180 -17.72 21.10 5.25
N LEU A 181 -18.63 21.46 4.34
CA LEU A 181 -18.61 22.82 3.75
C LEU A 181 -19.51 23.88 4.42
N GLY A 182 -20.55 23.43 5.11
CA GLY A 182 -21.56 24.29 5.70
C GLY A 182 -22.09 25.27 4.69
N LYS A 183 -22.28 26.49 5.14
CA LYS A 183 -22.55 27.58 4.25
C LYS A 183 -21.30 28.00 3.52
N SER A 184 -21.27 27.75 2.23
CA SER A 184 -20.07 27.94 1.48
C SER A 184 -20.22 29.22 0.65
N PHE A 185 -19.24 30.13 0.77
CA PHE A 185 -19.20 31.31 -0.05
C PHE A 185 -18.89 30.96 -1.51
N LEU A 186 -19.72 31.43 -2.43
CA LEU A 186 -19.59 31.11 -3.82
C LEU A 186 -18.77 32.18 -4.51
N GLN A 187 -17.61 31.75 -4.99
CA GLN A 187 -16.68 32.62 -5.66
C GLN A 187 -16.52 32.09 -7.07
N PHE A 188 -17.05 32.81 -8.04
CA PHE A 188 -16.88 32.42 -9.41
C PHE A 188 -15.45 32.80 -9.78
N SER A 189 -14.86 32.01 -10.62
CA SER A 189 -13.44 32.06 -10.79
C SER A 189 -13.13 31.93 -12.23
N ALA A 190 -12.17 32.75 -12.68
CA ALA A 190 -11.83 32.89 -14.09
C ALA A 190 -10.95 31.73 -14.59
N MET A 193 -3.09 30.61 8.65
CA MET A 193 -4.37 30.23 8.05
C MET A 193 -5.42 31.35 8.16
N ALA A 194 -5.98 31.75 7.03
CA ALA A 194 -6.97 32.84 6.97
C ALA A 194 -8.25 32.39 7.64
N HIS A 195 -9.27 33.23 7.60
CA HIS A 195 -10.55 32.88 8.19
C HIS A 195 -11.55 32.68 7.08
N SER A 196 -12.62 32.00 7.44
CA SER A 196 -13.75 31.87 6.55
C SER A 196 -14.33 33.29 6.33
N PRO A 197 -14.89 33.57 5.14
CA PRO A 197 -15.59 34.86 5.03
C PRO A 197 -16.65 34.93 6.12
N PRO A 198 -16.83 36.12 6.75
CA PRO A 198 -17.85 36.26 7.80
C PRO A 198 -19.19 35.61 7.42
N GLY A 199 -19.73 34.80 8.31
CA GLY A 199 -20.98 34.10 8.09
C GLY A 199 -20.92 32.78 7.29
N HIS A 200 -19.74 32.37 6.83
CA HIS A 200 -19.58 31.18 5.97
C HIS A 200 -18.59 30.19 6.61
N HIS A 201 -18.69 28.93 6.23
CA HIS A 201 -17.83 27.89 6.79
C HIS A 201 -16.76 27.40 5.80
N SER A 202 -16.80 27.87 4.55
CA SER A 202 -15.90 27.45 3.50
C SER A 202 -16.09 28.32 2.28
N VAL A 203 -15.22 28.14 1.30
CA VAL A 203 -15.35 28.79 0.04
C VAL A 203 -15.44 27.74 -1.06
N THR A 204 -16.34 27.98 -2.02
CA THR A 204 -16.49 27.20 -3.24
C THR A 204 -15.93 28.02 -4.40
N GLY A 205 -14.86 27.50 -5.00
CA GLY A 205 -14.26 28.07 -6.21
C GLY A 205 -14.90 27.41 -7.39
N ARG A 206 -15.80 28.12 -8.08
CA ARG A 206 -16.47 27.54 -9.20
C ARG A 206 -15.90 28.11 -10.52
N PRO A 207 -15.26 27.26 -11.33
CA PRO A 207 -14.74 27.67 -12.65
C PRO A 207 -15.84 28.27 -13.49
N SER A 208 -15.70 29.54 -13.93
CA SER A 208 -16.72 30.18 -14.76
C SER A 208 -16.35 30.10 -16.24
N VAL A 209 -15.05 29.98 -16.52
CA VAL A 209 -14.58 29.99 -17.90
C VAL A 209 -14.50 28.57 -18.48
N ASN A 210 -13.69 27.70 -17.88
CA ASN A 210 -13.67 26.30 -18.28
C ASN A 210 -14.90 25.58 -17.74
N GLY A 211 -15.94 25.48 -18.55
CA GLY A 211 -17.18 24.82 -18.16
C GLY A 211 -17.05 23.32 -17.86
N LEU A 212 -15.93 22.72 -18.26
CA LEU A 212 -15.61 21.31 -17.96
C LEU A 212 -14.80 21.05 -16.67
N ALA A 213 -14.31 22.11 -16.03
CA ALA A 213 -13.61 21.95 -14.78
C ALA A 213 -14.63 21.91 -13.67
N LEU A 214 -14.42 21.02 -12.71
CA LEU A 214 -15.30 20.96 -11.57
C LEU A 214 -14.80 21.92 -10.48
N ALA A 215 -15.56 22.02 -9.42
CA ALA A 215 -15.31 22.98 -8.35
C ALA A 215 -14.15 22.55 -7.49
N GLU A 216 -13.57 23.54 -6.84
CA GLU A 216 -12.55 23.37 -5.83
C GLU A 216 -13.11 24.06 -4.62
N TYR A 217 -12.69 23.62 -3.45
CA TYR A 217 -13.29 24.07 -2.18
C TYR A 217 -12.20 24.37 -1.17
N VAL A 218 -12.44 25.36 -0.30
CA VAL A 218 -11.47 25.73 0.70
C VAL A 218 -12.12 25.76 2.05
N ILE A 219 -11.48 25.12 3.02
CA ILE A 219 -11.90 25.21 4.41
C ILE A 219 -10.77 25.88 5.19
N TYR A 220 -11.14 26.44 6.33
CA TYR A 220 -10.22 27.26 7.10
C TYR A 220 -10.00 26.72 8.50
N ARG A 221 -10.50 25.51 8.74
CA ARG A 221 -10.23 24.77 9.99
C ARG A 221 -9.97 23.34 9.64
N GLY A 222 -8.90 22.74 10.16
CA GLY A 222 -8.59 21.34 9.83
C GLY A 222 -9.63 20.35 10.31
N GLU A 223 -10.37 20.74 11.36
CA GLU A 223 -11.45 19.92 11.92
C GLU A 223 -12.64 19.68 10.98
N GLN A 224 -12.69 20.39 9.86
CA GLN A 224 -13.75 20.22 8.89
C GLN A 224 -13.44 19.23 7.75
N ALA A 225 -12.37 18.44 7.88
CA ALA A 225 -12.10 17.38 6.97
C ALA A 225 -11.49 16.15 7.71
N TYR A 226 -11.85 14.97 7.24
CA TYR A 226 -11.35 13.71 7.75
C TYR A 226 -10.79 12.99 6.56
N PRO A 227 -9.51 12.57 6.60
CA PRO A 227 -8.84 11.92 5.48
C PRO A 227 -9.22 10.45 5.39
N GLU A 228 -10.34 10.16 4.74
CA GLU A 228 -10.98 8.86 4.89
C GLU A 228 -10.37 7.69 4.12
N TYR A 229 -9.89 7.97 2.90
CA TYR A 229 -9.30 6.95 2.07
C TYR A 229 -7.95 7.45 1.57
N LEU A 230 -6.97 6.56 1.67
CA LEU A 230 -5.64 6.79 1.15
C LEU A 230 -5.51 5.95 -0.09
N ILE A 231 -5.36 6.60 -1.25
CA ILE A 231 -5.31 5.93 -2.53
C ILE A 231 -3.88 6.00 -3.08
N THR A 232 -3.32 4.84 -3.39
CA THR A 232 -1.96 4.71 -3.94
C THR A 232 -2.08 4.30 -5.40
N TYR A 233 -1.40 5.05 -6.28
CA TYR A 233 -1.68 4.86 -7.69
C TYR A 233 -0.51 5.25 -8.53
N GLN A 234 -0.55 4.90 -9.80
CA GLN A 234 0.37 5.52 -10.76
C GLN A 234 -0.48 6.20 -11.83
N ILE A 235 0.02 7.31 -12.40
CA ILE A 235 -0.63 7.83 -13.60
C ILE A 235 -0.21 6.90 -14.74
N MET A 236 -1.09 6.74 -15.72
CA MET A 236 -0.81 5.87 -16.88
C MET A 236 -0.51 6.65 -18.16
N ARG A 237 0.57 6.27 -18.84
CA ARG A 237 0.93 6.88 -20.13
C ARG A 237 -0.15 6.61 -21.19
N PRO A 238 -0.69 7.66 -21.83
CA PRO A 238 -1.69 7.41 -22.89
C PRO A 238 -1.16 6.48 -24.02
N GLU A 239 -2.05 5.65 -24.55
CA GLU A 239 -1.68 4.58 -25.49
C GLU A 239 -2.16 4.89 -26.89
N GLY B 30 7.28 -36.79 -4.16
CA GLY B 30 8.76 -36.65 -4.15
C GLY B 30 9.26 -35.88 -2.95
N THR B 31 8.39 -35.20 -2.19
CA THR B 31 8.91 -34.36 -1.09
C THR B 31 9.00 -35.14 0.18
N ILE B 32 10.15 -35.05 0.84
CA ILE B 32 10.22 -35.44 2.25
C ILE B 32 10.57 -34.24 3.14
N LEU B 33 10.06 -34.26 4.38
CA LEU B 33 10.34 -33.25 5.37
C LEU B 33 11.21 -33.83 6.46
N ILE B 34 12.33 -33.17 6.76
CA ILE B 34 13.25 -33.60 7.81
C ILE B 34 13.20 -32.59 8.93
N ASP B 35 12.79 -33.02 10.13
CA ASP B 35 12.78 -32.14 11.30
C ASP B 35 14.17 -31.72 11.72
N LEU B 36 14.34 -30.45 12.04
CA LEU B 36 15.57 -29.97 12.62
C LEU B 36 15.43 -29.94 14.14
N SER B 37 16.52 -30.26 14.83
CA SER B 37 16.54 -30.25 16.27
C SER B 37 16.64 -28.81 16.72
N PRO B 38 15.89 -28.41 17.77
CA PRO B 38 16.10 -27.09 18.35
C PRO B 38 17.49 -26.79 18.88
N ASP B 39 18.30 -27.84 19.14
CA ASP B 39 19.71 -27.72 19.53
C ASP B 39 20.69 -27.52 18.38
N ASP B 40 20.20 -27.64 17.17
CA ASP B 40 20.97 -27.49 15.96
C ASP B 40 21.09 -26.00 15.67
N LYS B 41 22.28 -25.55 15.33
CA LYS B 41 22.49 -24.18 14.89
C LYS B 41 21.63 -23.75 13.70
N GLU B 42 21.36 -24.68 12.79
CA GLU B 42 20.55 -24.43 11.63
C GLU B 42 19.11 -24.07 12.04
N PHE B 43 18.57 -24.76 13.04
CA PHE B 43 17.26 -24.41 13.63
C PHE B 43 17.30 -23.02 14.23
N GLN B 44 18.31 -22.78 15.06
CA GLN B 44 18.44 -21.52 15.81
C GLN B 44 18.58 -20.32 14.89
N SER B 45 19.34 -20.52 13.82
CA SER B 45 19.55 -19.48 12.81
C SER B 45 18.23 -19.08 12.08
N VAL B 46 17.44 -20.06 11.64
CA VAL B 46 16.16 -19.82 11.03
C VAL B 46 15.18 -19.21 12.03
N GLU B 47 15.14 -19.73 13.25
CA GLU B 47 14.32 -19.10 14.28
C GLU B 47 14.76 -17.66 14.47
N GLU B 48 16.06 -17.37 14.51
CA GLU B 48 16.48 -15.98 14.78
C GLU B 48 16.06 -15.05 13.63
N GLU B 49 16.10 -15.56 12.42
CA GLU B 49 15.73 -14.77 11.23
C GLU B 49 14.22 -14.40 11.28
N MET B 50 13.40 -15.37 11.66
CA MET B 50 11.98 -15.19 11.93
C MET B 50 11.67 -14.14 13.02
N GLN B 51 12.23 -14.34 14.20
CA GLN B 51 11.93 -13.51 15.37
C GLN B 51 12.47 -12.08 15.18
N SER B 52 13.66 -11.96 14.60
CA SER B 52 14.33 -10.68 14.50
C SER B 52 13.71 -9.81 13.41
N THR B 53 12.91 -10.38 12.50
CA THR B 53 12.33 -9.59 11.44
C THR B 53 10.83 -9.33 11.61
N VAL B 54 10.33 -9.49 12.84
CA VAL B 54 8.97 -9.08 13.16
C VAL B 54 8.96 -7.54 13.24
N ARG B 55 7.96 -6.91 12.64
CA ARG B 55 7.78 -5.47 12.79
C ARG B 55 6.30 -5.15 13.07
N GLU B 56 6.04 -3.91 13.41
CA GLU B 56 4.67 -3.37 13.43
C GLU B 56 4.19 -3.12 12.01
N HIS B 57 2.88 -3.32 11.82
CA HIS B 57 2.22 -3.15 10.54
C HIS B 57 1.21 -2.03 10.62
N ARG B 58 1.02 -1.35 9.51
CA ARG B 58 0.19 -0.16 9.47
C ARG B 58 -1.28 -0.47 9.69
N ASP B 59 -1.67 -1.75 9.52
CA ASP B 59 -3.04 -2.15 9.86
C ASP B 59 -3.32 -2.42 11.33
N GLY B 60 -2.36 -2.15 12.21
CA GLY B 60 -2.50 -2.36 13.65
C GLY B 60 -2.66 -3.83 14.05
N GLY B 61 -2.37 -4.76 13.13
CA GLY B 61 -2.55 -6.18 13.39
C GLY B 61 -3.76 -6.81 12.72
N HIS B 62 -4.56 -6.01 12.01
CA HIS B 62 -5.76 -6.48 11.36
C HIS B 62 -5.57 -7.77 10.54
N ALA B 63 -4.57 -7.79 9.65
CA ALA B 63 -4.38 -8.95 8.77
C ALA B 63 -3.72 -10.15 9.45
N GLY B 64 -2.66 -9.91 10.20
CA GLY B 64 -1.80 -10.99 10.70
C GLY B 64 -1.90 -11.26 12.17
N GLY B 65 -2.59 -10.37 12.88
CA GLY B 65 -2.73 -10.44 14.31
C GLY B 65 -1.81 -9.50 15.07
N ILE B 66 -1.98 -9.49 16.38
CA ILE B 66 -1.22 -8.66 17.27
C ILE B 66 -0.18 -9.47 18.04
N PHE B 67 1.09 -9.20 17.76
CA PHE B 67 2.18 -9.95 18.36
C PHE B 67 3.53 -9.23 18.18
N ASN B 68 4.45 -9.54 19.08
CA ASN B 68 5.84 -9.13 18.97
C ASN B 68 6.79 -10.25 18.67
N ARG B 69 6.35 -11.50 18.87
CA ARG B 69 7.19 -12.65 18.61
C ARG B 69 6.34 -13.91 18.41
N TYR B 70 7.04 -14.97 18.03
CA TYR B 70 6.44 -16.24 17.72
C TYR B 70 6.83 -17.30 18.76
N ASN B 71 5.98 -18.32 18.85
CA ASN B 71 6.34 -19.59 19.47
C ASN B 71 6.61 -20.58 18.33
N ILE B 72 7.86 -20.91 18.11
CA ILE B 72 8.24 -21.77 17.02
C ILE B 72 8.03 -23.21 17.51
N LEU B 73 7.25 -23.95 16.78
CA LEU B 73 6.85 -25.32 17.17
C LEU B 73 7.71 -26.32 16.46
N LYS B 74 8.12 -26.02 15.22
CA LYS B 74 8.89 -26.96 14.47
C LYS B 74 9.51 -26.28 13.27
N ILE B 75 10.69 -26.74 12.87
CA ILE B 75 11.29 -26.31 11.60
C ILE B 75 11.73 -27.54 10.84
N GLN B 76 11.24 -27.63 9.61
CA GLN B 76 11.53 -28.75 8.76
C GLN B 76 12.22 -28.34 7.46
N LYS B 77 13.23 -29.12 7.10
CA LYS B 77 13.88 -29.01 5.78
C LYS B 77 13.00 -29.69 4.76
N VAL B 78 12.76 -29.02 3.64
CA VAL B 78 11.98 -29.55 2.55
C VAL B 78 12.91 -30.12 1.49
N CYS B 79 12.77 -31.41 1.21
CA CYS B 79 13.73 -32.11 0.35
CA CYS B 79 13.73 -32.10 0.35
C CYS B 79 12.97 -32.72 -0.81
N ASN B 80 13.24 -32.23 -2.01
CA ASN B 80 12.64 -32.73 -3.22
C ASN B 80 13.63 -32.55 -4.35
N LYS B 81 14.17 -33.66 -4.82
CA LYS B 81 15.25 -33.68 -5.78
C LYS B 81 14.85 -33.02 -7.08
N LYS B 82 13.66 -33.35 -7.56
CA LYS B 82 13.18 -32.79 -8.83
C LYS B 82 12.94 -31.28 -8.74
N LEU B 83 12.31 -30.81 -7.65
CA LEU B 83 12.13 -29.37 -7.46
C LEU B 83 13.47 -28.65 -7.29
N TRP B 84 14.44 -29.29 -6.63
CA TRP B 84 15.75 -28.68 -6.42
C TRP B 84 16.49 -28.53 -7.76
N GLU B 85 16.42 -29.56 -8.60
CA GLU B 85 17.06 -29.51 -9.92
C GLU B 85 16.43 -28.45 -10.80
N ARG B 86 15.12 -28.31 -10.76
CA ARG B 86 14.48 -27.24 -11.52
C ARG B 86 14.96 -25.88 -11.06
N TYR B 87 15.05 -25.71 -9.74
CA TYR B 87 15.52 -24.45 -9.17
C TYR B 87 16.97 -24.14 -9.59
N THR B 88 17.87 -25.10 -9.39
CA THR B 88 19.30 -24.86 -9.69
C THR B 88 19.58 -24.69 -11.19
N HIS B 89 18.71 -25.26 -12.02
CA HIS B 89 18.85 -25.09 -13.46
C HIS B 89 18.46 -23.66 -13.84
N ARG B 90 17.33 -23.18 -13.31
CA ARG B 90 16.94 -21.80 -13.55
C ARG B 90 17.94 -20.82 -12.94
N ARG B 91 18.45 -21.14 -11.75
CA ARG B 91 19.43 -20.28 -11.09
C ARG B 91 20.71 -20.07 -11.96
N LYS B 92 21.23 -21.17 -12.51
CA LYS B 92 22.36 -21.15 -13.44
C LYS B 92 22.10 -20.28 -14.69
N GLU B 93 20.89 -20.34 -15.24
CA GLU B 93 20.52 -19.47 -16.37
C GLU B 93 20.53 -18.00 -15.99
N VAL B 94 19.89 -17.68 -14.86
CA VAL B 94 19.79 -16.31 -14.39
C VAL B 94 21.17 -15.78 -14.05
N SER B 95 21.95 -16.60 -13.35
CA SER B 95 23.30 -16.25 -12.99
C SER B 95 24.12 -15.86 -14.22
N GLU B 96 24.03 -16.68 -15.25
CA GLU B 96 24.76 -16.40 -16.51
C GLU B 96 24.25 -15.20 -17.29
N GLU B 97 22.94 -14.99 -17.31
CA GLU B 97 22.37 -13.79 -17.93
C GLU B 97 22.76 -12.54 -17.17
N ASN B 98 22.98 -12.67 -15.87
CA ASN B 98 23.37 -11.58 -15.01
C ASN B 98 24.89 -11.58 -14.71
N HIS B 99 25.67 -12.14 -15.63
CA HIS B 99 27.12 -12.02 -15.62
C HIS B 99 27.67 -12.64 -14.36
N ASN B 100 27.26 -13.88 -14.16
CA ASN B 100 27.71 -14.76 -13.10
CA ASN B 100 27.74 -14.75 -13.09
C ASN B 100 27.34 -14.27 -11.68
N HIS B 101 26.10 -13.78 -11.55
CA HIS B 101 25.61 -13.40 -10.24
C HIS B 101 24.14 -13.76 -10.12
N ALA B 102 23.85 -14.82 -9.38
CA ALA B 102 22.48 -15.25 -9.15
C ALA B 102 21.64 -14.27 -8.32
N ASN B 103 22.33 -13.52 -7.44
CA ASN B 103 21.68 -12.63 -6.50
C ASN B 103 20.67 -13.44 -5.67
N GLU B 104 21.16 -14.48 -5.03
CA GLU B 104 20.30 -15.41 -4.29
C GLU B 104 20.09 -14.95 -2.82
N ARG B 105 18.82 -14.95 -2.37
CA ARG B 105 18.44 -14.50 -1.04
C ARG B 105 17.63 -15.59 -0.33
N MET B 106 17.59 -15.52 1.00
CA MET B 106 16.66 -16.31 1.81
C MET B 106 15.57 -15.34 2.23
N LEU B 107 14.34 -15.69 1.88
CA LEU B 107 13.20 -14.79 2.12
C LEU B 107 11.98 -15.56 2.54
N PHE B 108 11.07 -14.89 3.23
CA PHE B 108 9.83 -15.52 3.69
C PHE B 108 8.69 -15.51 2.67
N HIS B 109 7.88 -16.56 2.72
CA HIS B 109 6.68 -16.62 1.95
C HIS B 109 5.58 -17.23 2.80
N GLY B 110 4.47 -16.50 2.94
CA GLY B 110 3.26 -17.01 3.58
C GLY B 110 2.13 -17.11 2.57
N SER B 111 1.35 -18.19 2.68
CA SER B 111 0.32 -18.48 1.69
C SER B 111 -0.64 -19.57 2.19
N PRO B 112 -1.93 -19.45 1.86
CA PRO B 112 -2.82 -20.61 2.03
C PRO B 112 -2.39 -21.89 1.28
N PHE B 113 -1.55 -21.78 0.26
CA PHE B 113 -1.18 -22.94 -0.57
C PHE B 113 0.17 -23.58 -0.20
N VAL B 114 0.63 -23.30 1.01
CA VAL B 114 1.91 -23.80 1.50
C VAL B 114 2.02 -25.31 1.29
N ASN B 115 0.95 -26.05 1.57
CA ASN B 115 1.05 -27.50 1.40
C ASN B 115 1.19 -27.91 -0.05
N ALA B 116 0.57 -27.20 -0.98
CA ALA B 116 0.80 -27.47 -2.39
C ALA B 116 2.22 -27.07 -2.85
N ILE B 117 2.72 -25.95 -2.35
CA ILE B 117 4.03 -25.46 -2.74
C ILE B 117 5.15 -26.43 -2.35
N ILE B 118 5.08 -26.98 -1.15
CA ILE B 118 6.18 -27.87 -0.72
C ILE B 118 6.14 -29.21 -1.50
N HIS B 119 4.97 -29.61 -1.98
CA HIS B 119 4.83 -30.84 -2.80
C HIS B 119 5.03 -30.68 -4.28
N LYS B 120 4.50 -29.61 -4.85
CA LYS B 120 4.56 -29.38 -6.29
C LYS B 120 5.47 -28.23 -6.72
N GLY B 121 5.92 -27.41 -5.77
CA GLY B 121 6.79 -26.27 -6.13
C GLY B 121 5.97 -25.04 -6.41
N PHE B 122 6.63 -23.89 -6.54
CA PHE B 122 5.96 -22.65 -6.84
C PHE B 122 5.51 -22.65 -8.33
N ASP B 123 4.34 -22.11 -8.64
CA ASP B 123 3.91 -21.86 -10.01
C ASP B 123 2.84 -20.75 -10.03
N GLU B 124 2.29 -20.46 -11.20
CA GLU B 124 1.42 -19.29 -11.37
C GLU B 124 0.17 -19.26 -10.46
N ARG B 125 -0.25 -20.42 -9.97
CA ARG B 125 -1.38 -20.46 -9.05
C ARG B 125 -1.01 -19.79 -7.73
N HIS B 126 0.30 -19.63 -7.47
CA HIS B 126 0.80 -19.01 -6.22
C HIS B 126 1.13 -17.52 -6.35
N ALA B 127 0.91 -16.99 -7.56
CA ALA B 127 1.09 -15.57 -7.87
C ALA B 127 -0.04 -14.72 -7.32
N TYR B 128 0.29 -13.51 -6.88
CA TYR B 128 -0.64 -12.57 -6.36
C TYR B 128 -0.99 -11.67 -7.52
N ILE B 129 -2.10 -11.99 -8.18
CA ILE B 129 -2.50 -11.28 -9.39
C ILE B 129 -2.56 -9.78 -9.09
N GLY B 130 -3.24 -9.39 -8.02
CA GLY B 130 -3.46 -7.98 -7.70
C GLY B 130 -2.36 -7.31 -6.90
N GLY B 131 -1.17 -7.91 -6.86
CA GLY B 131 -0.09 -7.35 -6.08
C GLY B 131 0.39 -6.03 -6.67
N MET B 132 0.92 -5.20 -5.80
CA MET B 132 1.27 -3.83 -6.15
C MET B 132 2.51 -3.69 -7.06
N PHE B 133 3.29 -4.76 -7.22
CA PHE B 133 4.38 -4.76 -8.17
C PHE B 133 4.11 -5.73 -9.33
N GLY B 134 2.85 -6.02 -9.60
CA GLY B 134 2.50 -6.92 -10.72
C GLY B 134 2.14 -8.33 -10.31
N ALA B 135 1.67 -9.12 -11.27
CA ALA B 135 1.26 -10.49 -10.99
C ALA B 135 2.50 -11.42 -11.02
N GLY B 136 2.96 -11.74 -9.81
CA GLY B 136 4.12 -12.56 -9.63
C GLY B 136 4.04 -13.19 -8.25
N ILE B 137 5.08 -13.89 -7.87
CA ILE B 137 5.12 -14.50 -6.56
C ILE B 137 5.93 -13.60 -5.63
N TYR B 138 5.36 -13.30 -4.49
CA TYR B 138 5.85 -12.26 -3.59
C TYR B 138 6.55 -12.88 -2.37
N PHE B 139 7.68 -12.29 -1.96
CA PHE B 139 8.47 -12.77 -0.82
C PHE B 139 8.83 -11.58 0.05
N ALA B 140 9.06 -11.81 1.33
CA ALA B 140 9.36 -10.71 2.26
C ALA B 140 10.62 -10.93 3.09
N GLU B 141 11.30 -9.82 3.40
CA GLU B 141 12.40 -9.85 4.37
C GLU B 141 11.86 -9.89 5.81
N ASN B 142 10.71 -9.25 6.04
CA ASN B 142 10.05 -9.25 7.36
C ASN B 142 9.19 -10.51 7.42
N SER B 143 9.51 -11.42 8.35
CA SER B 143 8.64 -12.55 8.59
C SER B 143 7.17 -12.12 8.85
N SER B 144 6.97 -11.02 9.58
CA SER B 144 5.60 -10.58 9.94
C SER B 144 4.78 -10.11 8.74
N LYS B 145 5.44 -9.61 7.69
CA LYS B 145 4.75 -9.37 6.40
C LYS B 145 4.18 -10.66 5.77
N SER B 146 4.98 -11.70 5.70
CA SER B 146 4.52 -13.00 5.15
C SER B 146 3.42 -13.60 6.02
N ASN B 147 3.49 -13.38 7.34
CA ASN B 147 2.48 -13.88 8.26
C ASN B 147 1.08 -13.29 7.93
N GLN B 148 1.04 -12.06 7.42
CA GLN B 148 -0.22 -11.47 7.02
C GLN B 148 -0.95 -12.23 5.89
N TYR B 149 -0.25 -13.11 5.16
CA TYR B 149 -0.82 -13.86 4.04
C TYR B 149 -1.07 -15.34 4.32
N VAL B 150 -0.73 -15.80 5.52
CA VAL B 150 -0.86 -17.23 5.86
C VAL B 150 -2.31 -17.72 5.70
N TYR B 151 -3.27 -16.87 6.03
CA TYR B 151 -4.67 -17.23 5.89
C TYR B 151 -5.33 -16.60 4.69
N GLY B 152 -4.54 -16.14 3.73
CA GLY B 152 -5.02 -15.50 2.52
C GLY B 152 -4.71 -14.02 2.46
N ILE B 153 -5.13 -13.38 1.38
CA ILE B 153 -4.95 -11.95 1.20
C ILE B 153 -5.71 -11.20 2.29
N GLY B 154 -5.04 -10.22 2.91
CA GLY B 154 -5.59 -9.49 4.02
C GLY B 154 -5.82 -10.31 5.26
N GLY B 155 -5.16 -11.50 5.33
CA GLY B 155 -5.44 -12.47 6.38
C GLY B 155 -6.72 -13.31 6.20
N GLY B 156 -7.39 -13.18 5.05
CA GLY B 156 -8.65 -13.86 4.74
C GLY B 156 -9.65 -13.69 5.85
N THR B 157 -10.23 -14.77 6.33
CA THR B 157 -11.11 -14.70 7.51
C THR B 157 -10.45 -15.32 8.74
N GLY B 158 -9.13 -15.39 8.73
CA GLY B 158 -8.37 -15.88 9.87
C GLY B 158 -8.30 -17.39 9.94
N CYS B 159 -7.99 -17.90 11.12
CA CYS B 159 -7.82 -19.32 11.25
C CYS B 159 -9.12 -20.06 10.87
N PRO B 160 -8.99 -21.28 10.34
CA PRO B 160 -10.19 -22.04 9.99
C PRO B 160 -11.09 -22.35 11.18
N VAL B 161 -10.50 -22.63 12.34
CA VAL B 161 -11.26 -23.08 13.51
C VAL B 161 -12.02 -21.95 14.22
N HIS B 162 -11.37 -20.80 14.43
CA HIS B 162 -12.01 -19.71 15.15
C HIS B 162 -12.34 -18.48 14.34
N LYS B 163 -11.97 -18.47 13.07
CA LYS B 163 -12.13 -17.31 12.21
C LYS B 163 -11.55 -16.06 12.83
N ASP B 164 -10.35 -16.19 13.37
CA ASP B 164 -9.68 -15.15 14.08
C ASP B 164 -8.29 -14.91 13.43
N ARG B 165 -8.13 -13.76 12.78
CA ARG B 165 -6.85 -13.40 12.17
C ARG B 165 -5.74 -13.22 13.21
N SER B 166 -6.10 -12.98 14.47
CA SER B 166 -5.13 -12.88 15.53
C SER B 166 -5.11 -14.10 16.44
N CYS B 167 -5.44 -15.27 15.91
CA CYS B 167 -5.56 -16.47 16.75
C CYS B 167 -4.18 -16.82 17.32
N TYR B 168 -4.12 -17.05 18.62
CA TYR B 168 -2.95 -17.43 19.37
C TYR B 168 -2.89 -18.94 19.66
N ILE B 169 -3.92 -19.66 19.24
CA ILE B 169 -4.03 -21.10 19.46
C ILE B 169 -3.62 -21.91 18.24
N CYS B 170 -4.16 -21.57 17.09
CA CYS B 170 -4.01 -22.41 15.92
C CYS B 170 -2.60 -22.29 15.34
N HIS B 171 -2.13 -23.38 14.80
CA HIS B 171 -0.80 -23.51 14.22
C HIS B 171 -0.74 -22.90 12.83
N ARG B 172 0.29 -22.07 12.60
CA ARG B 172 0.50 -21.42 11.33
C ARG B 172 1.73 -22.00 10.69
N GLN B 173 1.83 -21.92 9.38
CA GLN B 173 3.04 -22.30 8.68
C GLN B 173 3.52 -21.22 7.75
N LEU B 174 4.84 -21.01 7.73
CA LEU B 174 5.49 -20.10 6.75
CA LEU B 174 5.53 -20.07 6.85
C LEU B 174 6.64 -20.84 6.12
N LEU B 175 7.03 -20.40 4.92
CA LEU B 175 8.20 -20.91 4.27
C LEU B 175 9.35 -19.91 4.33
N PHE B 176 10.58 -20.41 4.48
CA PHE B 176 11.78 -19.59 4.38
C PHE B 176 12.49 -20.19 3.18
N CYS B 177 12.55 -19.43 2.10
CA CYS B 177 12.79 -19.95 0.77
C CYS B 177 14.08 -19.36 0.20
N ARG B 178 14.68 -20.15 -0.67
CA ARG B 178 15.81 -19.70 -1.43
CA ARG B 178 15.80 -19.70 -1.48
C ARG B 178 15.23 -19.05 -2.71
N VAL B 179 15.59 -17.78 -2.95
CA VAL B 179 15.04 -17.01 -4.08
C VAL B 179 16.18 -16.39 -4.92
N THR B 180 16.18 -16.68 -6.22
CA THR B 180 17.10 -16.10 -7.17
C THR B 180 16.52 -14.82 -7.74
N LEU B 181 17.16 -13.69 -7.44
CA LEU B 181 16.70 -12.37 -7.88
C LEU B 181 17.30 -11.94 -9.22
N GLY B 182 18.51 -12.39 -9.53
CA GLY B 182 19.20 -11.95 -10.74
C GLY B 182 19.27 -10.43 -10.76
N LYS B 183 19.08 -9.87 -11.93
CA LYS B 183 19.05 -8.41 -12.06
C LYS B 183 17.67 -7.94 -11.62
N SER B 184 17.62 -7.25 -10.48
CA SER B 184 16.33 -6.90 -9.89
C SER B 184 16.00 -5.45 -10.13
N PHE B 185 14.81 -5.19 -10.64
CA PHE B 185 14.34 -3.83 -10.88
C PHE B 185 13.90 -3.19 -9.57
N LEU B 186 14.53 -2.08 -9.22
CA LEU B 186 14.23 -1.41 -7.95
C LEU B 186 13.05 -0.51 -8.09
N GLN B 187 11.97 -0.83 -7.38
CA GLN B 187 10.75 0.01 -7.36
C GLN B 187 10.55 0.55 -5.95
N PHE B 188 10.55 1.86 -5.78
CA PHE B 188 10.22 2.41 -4.47
C PHE B 188 8.72 2.42 -4.33
N SER B 189 8.25 2.16 -3.13
CA SER B 189 6.84 2.12 -2.86
C SER B 189 6.54 3.19 -1.87
N ALA B 190 5.39 3.81 -2.01
CA ALA B 190 4.93 4.77 -1.02
C ALA B 190 4.31 3.89 0.03
N MET B 191 4.90 3.91 1.22
CA MET B 191 4.48 3.14 2.40
C MET B 191 5.70 2.70 3.20
N LYS B 192 5.57 2.09 4.25
N MET B 193 0.24 -14.95 -14.93
CA MET B 193 1.48 -14.40 -14.28
C MET B 193 2.22 -13.46 -15.26
N ALA B 194 2.51 -12.23 -14.82
CA ALA B 194 3.20 -11.24 -15.67
C ALA B 194 4.64 -11.68 -15.92
N HIS B 195 5.36 -10.92 -16.74
CA HIS B 195 6.77 -11.19 -17.00
C HIS B 195 7.59 -10.13 -16.28
N SER B 196 8.87 -10.41 -16.07
CA SER B 196 9.71 -9.45 -15.41
C SER B 196 9.89 -8.26 -16.33
N PRO B 197 10.19 -7.09 -15.75
CA PRO B 197 10.60 -5.91 -16.55
C PRO B 197 11.68 -6.30 -17.54
N PRO B 198 11.74 -5.61 -18.71
CA PRO B 198 12.79 -5.88 -19.68
C PRO B 198 14.20 -5.90 -19.10
N GLY B 199 14.94 -6.96 -19.39
CA GLY B 199 16.30 -7.11 -18.96
C GLY B 199 16.41 -7.34 -17.46
N HIS B 200 15.30 -7.72 -16.81
CA HIS B 200 15.32 -7.94 -15.35
C HIS B 200 14.72 -9.29 -15.02
N HIS B 201 15.16 -9.85 -13.89
CA HIS B 201 14.69 -11.15 -13.44
C HIS B 201 13.72 -11.12 -12.25
N SER B 202 13.53 -9.95 -11.67
CA SER B 202 12.68 -9.81 -10.49
C SER B 202 12.41 -8.34 -10.24
N VAL B 203 11.58 -8.05 -9.26
CA VAL B 203 11.41 -6.71 -8.77
C VAL B 203 11.69 -6.67 -7.27
N THR B 204 12.35 -5.59 -6.84
CA THR B 204 12.57 -5.28 -5.45
C THR B 204 11.64 -4.11 -5.13
N GLY B 205 10.71 -4.35 -4.22
CA GLY B 205 9.78 -3.35 -3.74
C GLY B 205 10.26 -2.81 -2.42
N ARG B 206 10.71 -1.58 -2.41
CA ARG B 206 11.36 -1.03 -1.24
C ARG B 206 10.53 0.11 -0.66
N PRO B 207 10.03 -0.09 0.56
CA PRO B 207 9.26 0.97 1.20
C PRO B 207 10.11 2.22 1.36
N SER B 208 9.59 3.33 0.86
CA SER B 208 10.26 4.63 0.94
C SER B 208 9.76 5.50 2.09
N VAL B 209 8.63 5.16 2.73
CA VAL B 209 8.06 6.01 3.82
C VAL B 209 8.35 5.42 5.21
N ASN B 210 7.99 4.16 5.43
CA ASN B 210 8.37 3.48 6.66
C ASN B 210 9.79 2.89 6.53
N GLY B 211 10.78 3.67 6.97
CA GLY B 211 12.19 3.25 6.97
C GLY B 211 12.52 2.03 7.84
N LEU B 212 11.59 1.60 8.69
CA LEU B 212 11.70 0.31 9.38
C LEU B 212 11.11 -0.90 8.62
N ALA B 213 10.36 -0.67 7.55
CA ALA B 213 9.80 -1.78 6.78
C ALA B 213 10.86 -2.26 5.81
N LEU B 214 11.09 -3.56 5.81
CA LEU B 214 12.10 -4.17 4.91
C LEU B 214 11.51 -4.41 3.54
N ALA B 215 12.37 -4.81 2.62
CA ALA B 215 11.97 -4.93 1.23
C ALA B 215 11.08 -6.15 1.01
N GLU B 216 10.32 -6.09 -0.09
CA GLU B 216 9.54 -7.20 -0.59
C GLU B 216 10.02 -7.46 -2.01
N TYR B 217 9.92 -8.69 -2.48
CA TYR B 217 10.53 -9.09 -3.75
C TYR B 217 9.54 -9.89 -4.55
N VAL B 218 9.59 -9.75 -5.87
CA VAL B 218 8.67 -10.45 -6.76
C VAL B 218 9.42 -11.15 -7.86
N ILE B 219 9.05 -12.41 -8.08
CA ILE B 219 9.53 -13.20 -9.21
C ILE B 219 8.33 -13.61 -10.07
N TYR B 220 8.63 -13.92 -11.33
CA TYR B 220 7.61 -14.15 -12.30
C TYR B 220 7.76 -15.56 -12.89
N ARG B 221 8.61 -16.38 -12.28
CA ARG B 221 8.84 -17.76 -12.72
C ARG B 221 8.94 -18.55 -11.44
N GLY B 222 8.13 -19.59 -11.28
CA GLY B 222 8.16 -20.39 -10.07
C GLY B 222 9.47 -21.10 -9.83
N GLU B 223 10.20 -21.38 -10.92
CA GLU B 223 11.50 -22.04 -10.82
C GLU B 223 12.61 -21.17 -10.20
N GLN B 224 12.33 -19.89 -9.96
CA GLN B 224 13.26 -19.01 -9.26
C GLN B 224 13.13 -18.98 -7.75
N ALA B 225 12.34 -19.89 -7.17
CA ALA B 225 12.31 -20.03 -5.72
C ALA B 225 12.23 -21.50 -5.35
N TYR B 226 12.84 -21.83 -4.21
CA TYR B 226 12.81 -23.20 -3.66
C TYR B 226 12.39 -23.09 -2.19
N PRO B 227 11.32 -23.80 -1.81
CA PRO B 227 10.78 -23.74 -0.44
C PRO B 227 11.61 -24.54 0.54
N GLU B 228 12.70 -23.98 1.00
CA GLU B 228 13.74 -24.74 1.68
C GLU B 228 13.39 -25.16 3.08
N TYR B 229 12.70 -24.27 3.82
CA TYR B 229 12.34 -24.52 5.21
C TYR B 229 10.86 -24.30 5.40
N LEU B 230 10.23 -25.21 6.13
CA LEU B 230 8.82 -25.08 6.51
C LEU B 230 8.77 -24.85 8.02
N ILE B 231 8.20 -23.72 8.42
CA ILE B 231 8.24 -23.31 9.81
C ILE B 231 6.81 -23.37 10.32
N THR B 232 6.62 -24.16 11.36
CA THR B 232 5.34 -24.26 12.07
C THR B 232 5.44 -23.48 13.39
N TYR B 233 4.44 -22.63 13.63
CA TYR B 233 4.51 -21.64 14.73
C TYR B 233 3.16 -21.15 15.15
N GLN B 234 3.13 -20.47 16.28
CA GLN B 234 1.98 -19.70 16.70
C GLN B 234 2.48 -18.26 16.91
N ILE B 235 1.63 -17.27 16.72
CA ILE B 235 1.97 -15.92 17.16
C ILE B 235 1.71 -15.92 18.67
N MET B 236 2.42 -15.08 19.40
CA MET B 236 2.27 -14.98 20.85
C MET B 236 1.56 -13.70 21.28
N ARG B 237 0.58 -13.82 22.18
CA ARG B 237 -0.11 -12.66 22.72
C ARG B 237 0.88 -11.80 23.51
N PRO B 238 0.98 -10.49 23.22
CA PRO B 238 1.89 -9.69 24.05
C PRO B 238 1.44 -9.67 25.53
N GLU B 239 2.37 -9.63 26.48
CA GLU B 239 2.01 -9.79 27.91
C GLU B 239 1.44 -8.54 28.56
#